data_5IH7
#
_entry.id   5IH7
#
_cell.length_a   111.990
_cell.length_b   111.990
_cell.length_c   137.050
_cell.angle_alpha   90.00
_cell.angle_beta   90.00
_cell.angle_gamma   120.00
#
_symmetry.space_group_name_H-M   'P 31 2 1'
#
loop_
_entity.id
_entity.type
_entity.pdbx_description
1 polymer Acetylcholinesterase
2 branched 2-acetamido-2-deoxy-beta-D-glucopyranose-(1-4)-2-acetamido-2-deoxy-beta-D-glucopyranose
3 non-polymer 2-acetamido-2-deoxy-beta-D-glucopyranose
4 non-polymer 1-methyl-1,2-dihydro-3H-indol-3-one
5 non-polymer 'TETRAETHYLENE GLYCOL'
6 non-polymer 'ACETATE ION'
7 water water
#
_entity_poly.entity_id   1
_entity_poly.type   'polypeptide(L)'
_entity_poly.pdbx_seq_one_letter_code
;DHSELLVNTKSGKVMGTRVPVLSSHISAFLGIPFAEPPVGNMRFRRPEPKKPWSGVWNASTYPNNCQQYVDEQFPGFSGS
EMWNPNREMSEDCLYLNIWVPSPRPKSTTVMVWIYGGGFYSGSSTLDVYNGKYLAYTEEVVLVSLSYRVGAFGFLALHGS
QEAPGNVGLLDQRMALQWVHDNIQFFGGDPKTVTIFGESAGGASVGMHILSPGSRDLFRRAILQSGSPNCPWASVSVAEG
RRRAVELGRNLNCNLNSDEELIHCLREKKPQELIDVEWNVLPFDSIFRFSFVPVIDGEFFPTSLESMLNSGNFKKTQILL
GVNKDEGSFFLLYGAPGFSKDSESKISREDFMSGVKLSVPHANDLGLDAVTLQYTDWMDDNNGIKNRDGLDDIVGDHNVI
CPLMHFVNKYTKFGNGTYLYFFNHRASNLVWPEWMGVIHGYEIEFVFGLPLVKELNYTAEEEALSRRIMHYWATFAKTGN
PNEPHSQESKWPLFTTKEQKFIDLNTEPMKVHQRLRVQMCVFWNQFLPKLLNAT
;
_entity_poly.pdbx_strand_id   A
#
loop_
_chem_comp.id
_chem_comp.type
_chem_comp.name
_chem_comp.formula
ACT non-polymer 'ACETATE ION' 'C2 H3 O2 -1'
NAG D-saccharide, beta linking 2-acetamido-2-deoxy-beta-D-glucopyranose 'C8 H15 N O6'
OMI non-polymer 1-methyl-1,2-dihydro-3H-indol-3-one 'C9 H9 N O'
PG4 non-polymer 'TETRAETHYLENE GLYCOL' 'C8 H18 O5'
#
# COMPACT_ATOMS: atom_id res chain seq x y z
N ASP A 1 -7.76 7.41 -36.80
CA ASP A 1 -7.02 8.05 -35.67
C ASP A 1 -6.76 9.45 -36.14
N HIS A 2 -6.84 10.39 -35.20
CA HIS A 2 -6.68 11.80 -35.52
C HIS A 2 -5.45 12.48 -34.84
N SER A 3 -5.19 12.25 -33.53
CA SER A 3 -4.08 12.95 -32.77
C SER A 3 -3.56 12.27 -31.48
N GLU A 4 -2.44 12.79 -30.93
CA GLU A 4 -1.70 12.17 -29.81
C GLU A 4 -2.45 11.93 -28.49
N LEU A 5 -3.47 12.73 -28.26
CA LEU A 5 -4.25 12.81 -27.08
C LEU A 5 -5.57 12.07 -27.25
N LEU A 6 -5.79 11.54 -28.43
CA LEU A 6 -6.98 10.75 -28.64
C LEU A 6 -6.59 9.26 -28.73
N VAL A 7 -7.20 8.44 -27.88
CA VAL A 7 -6.89 7.00 -27.90
C VAL A 7 -8.20 6.29 -27.98
N ASN A 8 -8.28 5.32 -28.86
CA ASN A 8 -9.48 4.52 -29.00
C ASN A 8 -9.22 3.22 -28.26
N THR A 9 -10.12 2.87 -27.34
CA THR A 9 -9.98 1.70 -26.54
C THR A 9 -11.18 0.86 -26.81
N LYS A 10 -11.17 -0.35 -26.25
CA LYS A 10 -12.31 -1.29 -26.29
C LYS A 10 -13.50 -0.77 -25.53
N SER A 11 -13.29 0.24 -24.68
CA SER A 11 -14.42 0.77 -23.92
C SER A 11 -14.97 2.01 -24.60
N GLY A 12 -14.18 2.53 -25.55
CA GLY A 12 -14.54 3.73 -26.29
C GLY A 12 -13.35 4.65 -26.42
N LYS A 13 -13.60 5.82 -27.01
CA LYS A 13 -12.54 6.79 -27.24
C LYS A 13 -12.32 7.63 -26.00
N VAL A 14 -11.12 8.12 -25.87
CA VAL A 14 -10.75 8.83 -24.69
C VAL A 14 -9.91 10.01 -25.09
N MET A 15 -10.17 11.18 -24.50
CA MET A 15 -9.34 12.38 -24.82
C MET A 15 -8.48 12.85 -23.65
N GLY A 16 -7.19 12.88 -23.87
CA GLY A 16 -6.28 13.27 -22.82
C GLY A 16 -6.04 14.77 -22.78
N THR A 17 -4.96 15.14 -22.09
CA THR A 17 -4.52 16.51 -21.94
C THR A 17 -3.05 16.48 -21.89
N ARG A 18 -2.42 17.49 -22.48
CA ARG A 18 -0.95 17.61 -22.56
C ARG A 18 -0.51 18.32 -21.28
N VAL A 19 0.59 17.88 -20.68
CA VAL A 19 0.89 18.26 -19.35
C VAL A 19 2.34 18.56 -19.35
N PRO A 20 2.76 19.64 -18.66
CA PRO A 20 4.20 20.01 -18.61
C PRO A 20 4.83 19.28 -17.47
N VAL A 21 6.14 19.04 -17.59
CA VAL A 21 6.90 18.21 -16.70
C VAL A 21 8.35 18.57 -16.86
N LEU A 22 9.02 19.10 -15.81
CA LEU A 22 10.46 19.35 -15.91
C LEU A 22 10.97 19.99 -17.27
N SER A 23 10.30 21.06 -17.72
CA SER A 23 10.67 21.78 -18.98
C SER A 23 10.46 20.92 -20.21
N SER A 24 9.38 20.17 -20.22
CA SER A 24 9.05 19.32 -21.35
C SER A 24 7.59 19.04 -21.15
N HIS A 25 7.05 18.04 -21.82
CA HIS A 25 5.62 17.79 -21.79
C HIS A 25 5.35 16.32 -22.03
N ILE A 26 4.24 15.80 -21.53
CA ILE A 26 3.76 14.46 -21.86
C ILE A 26 2.28 14.44 -21.90
N SER A 27 1.69 13.27 -22.15
CA SER A 27 0.24 13.14 -22.23
C SER A 27 -0.33 12.45 -20.99
N ALA A 28 -1.46 12.94 -20.52
CA ALA A 28 -2.09 12.41 -19.38
C ALA A 28 -3.55 12.13 -19.66
N PHE A 29 -4.00 10.96 -19.24
CA PHE A 29 -5.36 10.55 -19.43
C PHE A 29 -5.87 10.25 -18.02
N LEU A 30 -6.65 11.17 -17.50
CA LEU A 30 -6.98 11.18 -16.11
C LEU A 30 -8.41 10.84 -16.00
N GLY A 31 -8.75 10.02 -15.03
CA GLY A 31 -10.16 9.79 -14.72
C GLY A 31 -10.85 8.91 -15.76
N ILE A 32 -10.16 7.88 -16.26
CA ILE A 32 -10.82 6.87 -17.15
C ILE A 32 -11.58 5.87 -16.30
N PRO A 33 -12.84 5.61 -16.61
CA PRO A 33 -13.58 4.68 -15.81
C PRO A 33 -13.33 3.21 -16.22
N PHE A 34 -13.20 2.33 -15.23
CA PHE A 34 -12.90 0.92 -15.52
C PHE A 34 -13.93 0.01 -14.96
N ALA A 35 -14.95 0.53 -14.28
CA ALA A 35 -16.03 -0.29 -13.77
C ALA A 35 -17.27 0.51 -13.80
N GLU A 36 -18.43 -0.12 -13.71
CA GLU A 36 -19.65 0.66 -13.44
C GLU A 36 -19.57 1.29 -12.01
N PRO A 37 -20.16 2.49 -11.80
CA PRO A 37 -20.30 3.04 -10.45
C PRO A 37 -20.94 2.11 -9.44
N PRO A 38 -20.24 1.78 -8.35
CA PRO A 38 -20.78 0.84 -7.42
C PRO A 38 -21.70 1.49 -6.39
N VAL A 39 -22.85 1.99 -6.88
CA VAL A 39 -23.73 2.83 -6.11
C VAL A 39 -25.06 2.13 -5.94
N GLY A 40 -25.85 2.69 -5.04
CA GLY A 40 -27.10 2.11 -4.62
C GLY A 40 -26.97 0.65 -4.22
N ASN A 41 -27.73 -0.17 -4.93
CA ASN A 41 -27.82 -1.58 -4.68
C ASN A 41 -26.55 -2.34 -5.02
N MET A 42 -25.63 -1.70 -5.71
CA MET A 42 -24.29 -2.29 -5.91
C MET A 42 -23.20 -1.97 -4.81
N ARG A 43 -23.60 -1.21 -3.80
CA ARG A 43 -22.72 -0.90 -2.67
C ARG A 43 -22.45 -2.26 -2.01
N PHE A 44 -21.18 -2.52 -1.76
CA PHE A 44 -20.67 -3.77 -1.21
C PHE A 44 -20.55 -4.91 -2.17
N ARG A 45 -21.12 -4.77 -3.37
CA ARG A 45 -21.08 -5.83 -4.39
C ARG A 45 -19.75 -5.85 -5.14
N ARG A 46 -19.45 -6.99 -5.76
CA ARG A 46 -18.26 -7.10 -6.60
C ARG A 46 -18.47 -6.24 -7.84
N PRO A 47 -17.45 -5.47 -8.23
CA PRO A 47 -17.60 -4.55 -9.32
C PRO A 47 -18.09 -5.19 -10.65
N GLU A 48 -18.84 -4.43 -11.46
CA GLU A 48 -19.18 -4.78 -12.85
C GLU A 48 -18.28 -3.98 -13.83
N PRO A 49 -17.88 -4.59 -14.96
CA PRO A 49 -17.07 -3.84 -15.92
C PRO A 49 -17.81 -2.66 -16.49
N LYS A 50 -17.08 -1.60 -16.82
CA LYS A 50 -17.68 -0.39 -17.39
C LYS A 50 -18.26 -0.64 -18.84
N LYS A 51 -19.54 -0.37 -19.02
CA LYS A 51 -20.21 -0.46 -20.30
C LYS A 51 -19.59 0.53 -21.24
N PRO A 52 -19.22 0.07 -22.43
CA PRO A 52 -18.52 0.94 -23.35
C PRO A 52 -19.37 2.14 -23.69
N TRP A 53 -18.72 3.19 -24.10
CA TRP A 53 -19.43 4.47 -24.32
C TRP A 53 -19.26 4.95 -25.77
N SER A 54 -20.28 5.68 -26.23
CA SER A 54 -20.24 6.42 -27.49
C SER A 54 -19.56 7.74 -27.22
N GLY A 55 -19.03 8.35 -28.27
CA GLY A 55 -18.39 9.63 -28.12
C GLY A 55 -17.03 9.49 -27.45
N VAL A 56 -16.54 10.64 -27.00
CA VAL A 56 -15.18 10.87 -26.51
C VAL A 56 -15.22 11.22 -25.00
N TRP A 57 -14.56 10.39 -24.19
CA TRP A 57 -14.59 10.49 -22.75
C TRP A 57 -13.53 11.51 -22.49
N ASN A 58 -13.94 12.62 -21.84
CA ASN A 58 -13.04 13.73 -21.52
C ASN A 58 -12.14 13.21 -20.38
N ALA A 59 -10.84 13.09 -20.60
CA ALA A 59 -9.96 12.54 -19.58
C ALA A 59 -8.90 13.56 -19.27
N SER A 60 -9.34 14.79 -19.09
CA SER A 60 -8.40 15.90 -18.86
C SER A 60 -8.29 16.24 -17.37
N THR A 61 -9.22 15.76 -16.55
CA THR A 61 -9.13 16.04 -15.12
C THR A 61 -9.33 14.82 -14.22
N TYR A 62 -8.68 14.88 -13.08
CA TYR A 62 -8.71 13.86 -12.07
C TYR A 62 -10.13 13.53 -11.63
N PRO A 63 -10.38 12.28 -11.35
CA PRO A 63 -11.66 11.89 -10.92
C PRO A 63 -11.84 12.18 -9.40
N ASN A 64 -13.02 11.88 -8.91
CA ASN A 64 -13.32 11.79 -7.54
C ASN A 64 -12.50 10.70 -6.80
N ASN A 65 -12.33 10.93 -5.50
CA ASN A 65 -11.73 9.95 -4.59
C ASN A 65 -12.85 9.17 -3.98
N CYS A 66 -12.55 7.94 -3.53
CA CYS A 66 -13.57 7.14 -2.90
C CYS A 66 -13.91 7.70 -1.52
N GLN A 67 -15.09 7.35 -1.02
CA GLN A 67 -15.53 7.77 0.26
C GLN A 67 -14.61 7.19 1.34
N GLN A 68 -14.14 8.02 2.26
CA GLN A 68 -13.15 7.63 3.25
C GLN A 68 -13.07 8.59 4.47
N TYR A 69 -12.71 7.98 5.60
CA TYR A 69 -12.24 8.74 6.75
C TYR A 69 -11.24 9.76 6.28
N VAL A 70 -11.38 10.98 6.81
CA VAL A 70 -10.46 12.11 6.53
C VAL A 70 -9.72 12.54 7.81
N ASP A 71 -8.38 12.55 7.75
CA ASP A 71 -7.53 12.84 8.90
C ASP A 71 -7.62 14.37 9.18
N GLU A 72 -8.16 14.76 10.34
CA GLU A 72 -8.20 16.16 10.76
C GLU A 72 -7.41 16.32 12.06
N GLN A 73 -6.45 15.45 12.28
CA GLN A 73 -5.75 15.45 13.53
C GLN A 73 -4.87 16.71 13.61
N PHE A 74 -4.46 17.26 12.47
CA PHE A 74 -3.61 18.46 12.40
C PHE A 74 -4.02 19.39 11.26
N PRO A 75 -5.14 20.08 11.44
CA PRO A 75 -5.67 20.99 10.44
C PRO A 75 -4.69 21.97 9.91
N GLY A 76 -4.69 22.05 8.57
CA GLY A 76 -3.74 22.86 7.77
C GLY A 76 -2.30 22.39 7.72
N PHE A 77 -1.98 21.28 8.37
CA PHE A 77 -0.61 20.83 8.42
C PHE A 77 -0.32 20.00 7.18
N SER A 78 0.74 20.28 6.48
CA SER A 78 0.85 19.63 5.16
C SER A 78 1.27 18.15 5.36
N GLY A 79 1.93 17.87 6.49
CA GLY A 79 2.45 16.52 6.70
C GLY A 79 1.38 15.43 6.67
N SER A 80 0.20 15.75 7.20
CA SER A 80 -0.92 14.86 7.31
C SER A 80 -1.87 15.09 6.15
N GLU A 81 -2.06 16.34 5.78
CA GLU A 81 -3.00 16.70 4.69
C GLU A 81 -2.55 16.30 3.30
N MET A 82 -1.27 16.05 3.11
CA MET A 82 -0.85 15.52 1.81
C MET A 82 -1.39 14.11 1.49
N TRP A 83 -1.98 13.43 2.49
CA TRP A 83 -2.48 12.07 2.38
C TRP A 83 -3.97 12.05 2.22
N ASN A 84 -4.62 13.17 2.46
CA ASN A 84 -6.09 13.19 2.43
C ASN A 84 -6.56 13.35 1.00
N PRO A 85 -7.83 13.03 0.76
CA PRO A 85 -8.43 13.30 -0.53
C PRO A 85 -8.29 14.74 -0.94
N ASN A 86 -7.76 14.99 -2.14
CA ASN A 86 -7.75 16.35 -2.73
C ASN A 86 -8.85 16.51 -3.80
N ARG A 87 -9.75 15.57 -3.94
CA ARG A 87 -10.88 15.81 -4.83
C ARG A 87 -12.13 15.60 -4.06
N GLU A 88 -13.28 15.88 -4.65
CA GLU A 88 -14.49 15.58 -3.96
C GLU A 88 -14.56 14.07 -3.76
N MET A 89 -15.08 13.59 -2.62
CA MET A 89 -15.30 12.20 -2.39
C MET A 89 -16.62 11.79 -3.02
N SER A 90 -16.66 10.56 -3.54
CA SER A 90 -17.91 9.95 -4.07
C SER A 90 -17.81 8.44 -4.07
N GLU A 91 -18.94 7.76 -3.89
CA GLU A 91 -19.03 6.31 -4.18
C GLU A 91 -18.69 5.97 -5.63
N ASP A 92 -18.87 6.94 -6.51
CA ASP A 92 -18.54 6.80 -7.92
C ASP A 92 -17.12 7.23 -8.09
N CYS A 93 -16.24 6.26 -7.93
CA CYS A 93 -14.82 6.54 -7.83
C CYS A 93 -13.93 5.55 -8.48
N LEU A 94 -14.49 4.63 -9.26
CA LEU A 94 -13.62 3.62 -9.86
C LEU A 94 -13.09 4.06 -11.22
N TYR A 95 -11.93 4.74 -11.18
CA TYR A 95 -11.28 5.34 -12.33
C TYR A 95 -9.80 5.09 -12.23
N LEU A 96 -9.12 5.23 -13.36
CA LEU A 96 -7.70 5.15 -13.35
C LEU A 96 -7.11 6.30 -14.16
N ASN A 97 -5.79 6.49 -14.03
CA ASN A 97 -5.01 7.57 -14.61
C ASN A 97 -3.78 7.01 -15.31
N ILE A 98 -3.42 7.62 -16.46
CA ILE A 98 -2.29 7.13 -17.29
C ILE A 98 -1.45 8.29 -17.78
N TRP A 99 -0.17 8.22 -17.54
CA TRP A 99 0.78 9.17 -18.03
C TRP A 99 1.59 8.43 -19.08
N VAL A 100 1.65 9.03 -20.28
CA VAL A 100 2.20 8.43 -21.49
C VAL A 100 3.24 9.40 -22.09
N PRO A 101 4.48 8.94 -22.25
CA PRO A 101 5.47 9.76 -22.94
C PRO A 101 5.02 10.34 -24.29
N SER A 102 5.68 11.44 -24.66
CA SER A 102 5.42 12.16 -25.92
C SER A 102 6.73 12.28 -26.62
N PRO A 103 6.82 11.74 -27.81
CA PRO A 103 5.71 11.13 -28.52
C PRO A 103 5.33 9.75 -27.94
N ARG A 104 4.07 9.36 -28.18
CA ARG A 104 3.55 8.05 -27.76
C ARG A 104 4.45 6.91 -28.13
N PRO A 105 4.86 6.10 -27.16
CA PRO A 105 5.66 4.91 -27.45
C PRO A 105 4.83 3.84 -28.19
N LYS A 106 5.44 2.72 -28.55
CA LYS A 106 4.63 1.68 -29.22
C LYS A 106 4.36 0.52 -28.31
N SER A 107 5.37 0.13 -27.56
CA SER A 107 5.21 -1.04 -26.72
C SER A 107 6.15 -0.93 -25.55
N THR A 108 5.84 -0.04 -24.63
CA THR A 108 6.79 0.19 -23.55
C THR A 108 6.36 -0.42 -22.16
N THR A 109 7.37 -0.57 -21.32
CA THR A 109 7.18 -0.98 -19.93
C THR A 109 6.07 -0.16 -19.26
N VAL A 110 5.22 -0.88 -18.57
CA VAL A 110 4.04 -0.29 -17.88
C VAL A 110 4.20 -0.53 -16.33
N MET A 111 3.96 0.52 -15.54
CA MET A 111 3.96 0.42 -14.07
C MET A 111 2.61 0.84 -13.57
N VAL A 112 2.02 0.02 -12.70
CA VAL A 112 0.69 0.29 -12.22
C VAL A 112 0.77 0.43 -10.70
N TRP A 113 0.39 1.60 -10.21
CA TRP A 113 0.54 2.03 -8.82
C TRP A 113 -0.75 1.74 -8.06
N ILE A 114 -0.62 1.04 -6.95
CA ILE A 114 -1.77 0.79 -6.06
C ILE A 114 -1.58 1.54 -4.72
N TYR A 115 -2.41 2.54 -4.47
CA TYR A 115 -2.25 3.34 -3.25
C TYR A 115 -2.43 2.56 -1.96
N GLY A 116 -1.66 3.00 -0.95
CA GLY A 116 -1.85 2.55 0.45
C GLY A 116 -2.88 3.41 1.18
N GLY A 117 -2.95 3.23 2.48
CA GLY A 117 -3.94 3.95 3.34
C GLY A 117 -4.74 2.98 4.23
N GLY A 118 -4.14 1.86 4.60
CA GLY A 118 -4.76 0.92 5.57
C GLY A 118 -6.04 0.22 5.14
N PHE A 119 -6.35 0.35 3.87
CA PHE A 119 -7.60 -0.19 3.29
C PHE A 119 -8.81 0.58 3.76
N TYR A 120 -8.56 1.66 4.55
CA TYR A 120 -9.68 2.59 4.95
C TYR A 120 -9.64 3.96 4.31
N SER A 121 -8.53 4.24 3.62
CA SER A 121 -8.33 5.53 3.02
C SER A 121 -7.40 5.38 1.80
N GLY A 122 -7.16 6.50 1.12
CA GLY A 122 -6.22 6.57 0.01
C GLY A 122 -6.83 7.11 -1.29
N SER A 123 -6.00 7.70 -2.14
CA SER A 123 -6.42 8.38 -3.34
C SER A 123 -5.37 8.23 -4.43
N SER A 124 -5.82 8.05 -5.66
CA SER A 124 -4.91 7.96 -6.79
C SER A 124 -4.35 9.33 -7.24
N THR A 125 -4.93 10.39 -6.73
CA THR A 125 -4.82 11.78 -7.22
C THR A 125 -3.94 12.66 -6.38
N LEU A 126 -3.26 12.11 -5.39
CA LEU A 126 -2.40 12.88 -4.54
C LEU A 126 -1.19 13.43 -5.29
N ASP A 127 -0.70 14.56 -4.80
CA ASP A 127 0.48 15.17 -5.36
C ASP A 127 1.62 14.17 -5.35
N VAL A 128 1.85 13.45 -4.25
CA VAL A 128 3.03 12.58 -4.23
C VAL A 128 2.88 11.38 -5.18
N TYR A 129 1.68 11.14 -5.68
CA TYR A 129 1.50 10.02 -6.62
C TYR A 129 1.42 10.48 -8.09
N ASN A 130 1.78 11.73 -8.38
CA ASN A 130 1.77 12.24 -9.76
C ASN A 130 2.74 11.48 -10.64
N GLY A 131 2.19 10.75 -11.58
CA GLY A 131 3.05 9.86 -12.42
C GLY A 131 3.96 10.49 -13.50
N LYS A 132 3.77 11.78 -13.74
CA LYS A 132 4.44 12.45 -14.84
C LYS A 132 5.92 12.45 -14.77
N TYR A 133 6.50 12.61 -13.57
CA TYR A 133 7.97 12.68 -13.49
C TYR A 133 8.58 11.37 -13.84
N LEU A 134 7.95 10.29 -13.42
CA LEU A 134 8.51 8.92 -13.65
C LEU A 134 8.27 8.47 -15.07
N ALA A 135 7.05 8.67 -15.55
CA ALA A 135 6.73 8.38 -16.93
C ALA A 135 7.75 9.09 -17.85
N TYR A 136 7.92 10.38 -17.62
CA TYR A 136 8.82 11.19 -18.42
C TYR A 136 10.25 10.78 -18.22
N THR A 137 10.69 10.66 -16.99
CA THR A 137 12.14 10.43 -16.76
C THR A 137 12.57 9.08 -17.26
N GLU A 138 11.72 8.06 -17.10
CA GLU A 138 12.15 6.69 -17.32
C GLU A 138 11.44 6.07 -18.50
N GLU A 139 10.50 6.79 -19.14
CA GLU A 139 9.88 6.34 -20.40
C GLU A 139 9.10 5.05 -20.15
N VAL A 140 8.16 5.13 -19.21
CA VAL A 140 7.29 4.05 -18.91
C VAL A 140 5.95 4.68 -19.04
N VAL A 141 4.98 3.84 -19.36
CA VAL A 141 3.60 4.21 -19.23
C VAL A 141 3.16 3.93 -17.77
N LEU A 142 2.65 4.95 -17.09
CA LEU A 142 2.47 4.94 -15.64
C LEU A 142 1.03 5.00 -15.40
N VAL A 143 0.47 3.91 -14.88
CA VAL A 143 -0.93 3.92 -14.48
C VAL A 143 -1.11 4.03 -12.96
N SER A 144 -2.16 4.72 -12.54
CA SER A 144 -2.53 4.60 -11.16
C SER A 144 -3.99 4.24 -11.11
N LEU A 145 -4.31 3.18 -10.39
CA LEU A 145 -5.72 2.79 -10.27
C LEU A 145 -6.39 3.33 -8.96
N SER A 146 -7.66 3.01 -8.78
CA SER A 146 -8.31 3.24 -7.54
C SER A 146 -9.12 2.04 -7.17
N TYR A 147 -9.52 2.02 -5.90
CA TYR A 147 -10.32 0.95 -5.31
C TYR A 147 -11.07 1.39 -4.04
N ARG A 148 -12.24 0.82 -3.85
CA ARG A 148 -13.05 1.14 -2.72
C ARG A 148 -12.33 0.73 -1.43
N VAL A 149 -12.39 1.64 -0.44
CA VAL A 149 -11.80 1.40 0.86
C VAL A 149 -12.89 1.37 1.91
N GLY A 150 -12.51 1.04 3.14
CA GLY A 150 -13.43 1.09 4.25
C GLY A 150 -14.45 0.00 4.03
N ALA A 151 -15.62 0.22 4.60
CA ALA A 151 -16.67 -0.74 4.52
C ALA A 151 -17.16 -0.91 3.10
N PHE A 152 -17.06 0.15 2.31
CA PHE A 152 -17.44 0.11 0.92
C PHE A 152 -16.61 -0.91 0.15
N GLY A 153 -15.35 -1.11 0.53
CA GLY A 153 -14.47 -2.00 -0.20
C GLY A 153 -14.30 -3.34 0.47
N PHE A 154 -14.62 -3.42 1.77
CA PHE A 154 -14.22 -4.57 2.51
C PHE A 154 -15.19 -5.12 3.54
N LEU A 155 -16.42 -4.60 3.58
CA LEU A 155 -17.41 -5.22 4.45
C LEU A 155 -17.58 -6.65 4.00
N ALA A 156 -17.55 -7.61 4.91
CA ALA A 156 -17.54 -9.00 4.55
C ALA A 156 -18.53 -9.86 5.34
N LEU A 157 -19.60 -10.25 4.65
CA LEU A 157 -20.58 -11.24 5.17
C LEU A 157 -20.48 -12.51 4.34
N HIS A 158 -19.49 -13.30 4.62
CA HIS A 158 -19.19 -14.46 3.81
C HIS A 158 -20.38 -15.40 3.68
N GLY A 159 -20.61 -15.89 2.45
CA GLY A 159 -21.85 -16.65 2.14
C GLY A 159 -22.89 -15.74 1.48
N SER A 160 -22.84 -14.45 1.73
CA SER A 160 -23.73 -13.58 1.01
C SER A 160 -23.06 -13.22 -0.31
N GLN A 161 -23.84 -12.97 -1.35
CA GLN A 161 -23.28 -12.50 -2.60
C GLN A 161 -23.46 -11.01 -2.76
N GLU A 162 -24.24 -10.42 -1.86
CA GLU A 162 -24.46 -8.98 -1.91
C GLU A 162 -23.28 -8.20 -1.25
N ALA A 163 -22.60 -8.78 -0.26
CA ALA A 163 -21.42 -8.16 0.42
C ALA A 163 -20.46 -9.27 0.79
N PRO A 164 -19.79 -9.85 -0.22
CA PRO A 164 -19.00 -11.03 -0.03
C PRO A 164 -17.73 -10.77 0.65
N GLY A 165 -17.30 -9.51 0.68
CA GLY A 165 -15.93 -9.20 1.10
C GLY A 165 -14.99 -9.10 -0.12
N ASN A 166 -13.84 -8.50 0.11
CA ASN A 166 -12.81 -8.34 -0.85
C ASN A 166 -13.11 -7.53 -2.09
N VAL A 167 -14.20 -6.78 -2.11
CA VAL A 167 -14.57 -6.18 -3.38
C VAL A 167 -13.60 -5.12 -3.82
N GLY A 168 -12.90 -4.52 -2.84
CA GLY A 168 -11.89 -3.53 -3.16
C GLY A 168 -10.70 -4.16 -3.82
N LEU A 169 -10.37 -5.42 -3.50
CA LEU A 169 -9.29 -6.08 -4.20
C LEU A 169 -9.81 -6.45 -5.63
N LEU A 170 -11.09 -6.82 -5.71
CA LEU A 170 -11.67 -7.10 -7.03
C LEU A 170 -11.64 -5.81 -7.91
N ASP A 171 -11.83 -4.60 -7.32
CA ASP A 171 -11.68 -3.36 -8.05
C ASP A 171 -10.26 -3.25 -8.60
N GLN A 172 -9.27 -3.54 -7.78
CA GLN A 172 -7.93 -3.40 -8.28
C GLN A 172 -7.76 -4.38 -9.45
N ARG A 173 -8.20 -5.61 -9.28
CA ARG A 173 -8.08 -6.64 -10.31
C ARG A 173 -8.73 -6.21 -11.61
N MET A 174 -9.88 -5.54 -11.53
CA MET A 174 -10.60 -5.11 -12.73
C MET A 174 -9.85 -4.02 -13.46
N ALA A 175 -9.23 -3.11 -12.72
CA ALA A 175 -8.40 -2.13 -13.33
C ALA A 175 -7.22 -2.83 -13.99
N LEU A 176 -6.69 -3.85 -13.35
CA LEU A 176 -5.53 -4.56 -13.92
C LEU A 176 -5.99 -5.34 -15.20
N GLN A 177 -7.24 -5.83 -15.22
CA GLN A 177 -7.82 -6.43 -16.42
C GLN A 177 -7.91 -5.42 -17.53
N TRP A 178 -8.27 -4.20 -17.19
CA TRP A 178 -8.52 -3.21 -18.22
C TRP A 178 -7.19 -2.74 -18.76
N VAL A 179 -6.18 -2.65 -17.94
CA VAL A 179 -4.86 -2.34 -18.43
C VAL A 179 -4.38 -3.48 -19.36
N HIS A 180 -4.48 -4.70 -18.91
CA HIS A 180 -4.12 -5.82 -19.74
C HIS A 180 -4.78 -5.66 -21.09
N ASP A 181 -6.08 -5.37 -21.08
CA ASP A 181 -6.89 -5.36 -22.26
C ASP A 181 -6.70 -4.10 -23.18
N ASN A 182 -6.25 -2.99 -22.62
CA ASN A 182 -6.24 -1.74 -23.37
C ASN A 182 -4.94 -0.97 -23.37
N ILE A 183 -3.98 -1.29 -22.53
CA ILE A 183 -2.84 -0.39 -22.45
C ILE A 183 -2.06 -0.34 -23.78
N GLN A 184 -2.17 -1.41 -24.58
CA GLN A 184 -1.51 -1.41 -25.91
C GLN A 184 -1.88 -0.14 -26.68
N PHE A 185 -3.10 0.36 -26.53
CA PHE A 185 -3.50 1.53 -27.33
C PHE A 185 -2.86 2.84 -26.90
N PHE A 186 -2.25 2.82 -25.71
CA PHE A 186 -1.59 4.02 -25.17
C PHE A 186 -0.11 3.84 -25.34
N GLY A 187 0.27 2.74 -25.96
CA GLY A 187 1.67 2.43 -26.24
C GLY A 187 2.39 1.62 -25.21
N GLY A 188 1.61 1.05 -24.30
CA GLY A 188 2.18 0.21 -23.28
C GLY A 188 2.16 -1.21 -23.76
N ASP A 189 3.14 -1.96 -23.31
CA ASP A 189 3.23 -3.42 -23.48
C ASP A 189 2.56 -4.21 -22.32
N PRO A 190 1.39 -4.80 -22.56
CA PRO A 190 0.68 -5.58 -21.60
C PRO A 190 1.37 -6.82 -21.11
N LYS A 191 2.41 -7.24 -21.79
CA LYS A 191 3.21 -8.40 -21.38
C LYS A 191 4.30 -7.95 -20.38
N THR A 192 4.40 -6.66 -20.16
CA THR A 192 5.46 -6.17 -19.26
C THR A 192 4.85 -5.17 -18.27
N VAL A 193 3.82 -5.63 -17.57
CA VAL A 193 3.23 -4.84 -16.50
C VAL A 193 3.83 -5.14 -15.12
N THR A 194 4.37 -4.13 -14.48
CA THR A 194 4.76 -4.23 -13.07
C THR A 194 3.69 -3.61 -12.15
N ILE A 195 3.08 -4.38 -11.24
CA ILE A 195 2.31 -3.75 -10.18
C ILE A 195 3.21 -3.28 -9.00
N PHE A 196 2.97 -2.04 -8.53
CA PHE A 196 3.73 -1.52 -7.38
C PHE A 196 2.85 -0.77 -6.42
N GLY A 197 3.16 -0.80 -5.14
CA GLY A 197 2.30 -0.16 -4.14
C GLY A 197 2.97 -0.07 -2.78
N GLU A 198 2.44 0.84 -1.96
CA GLU A 198 2.98 1.10 -0.62
C GLU A 198 2.04 0.75 0.50
N SER A 199 2.60 0.10 1.50
CA SER A 199 1.86 -0.25 2.70
C SER A 199 0.63 -1.16 2.32
N ALA A 200 -0.61 -0.75 2.56
CA ALA A 200 -1.74 -1.57 2.14
C ALA A 200 -1.72 -1.85 0.60
N GLY A 201 -1.11 -0.96 -0.16
CA GLY A 201 -0.90 -1.13 -1.59
C GLY A 201 0.18 -2.18 -1.78
N GLY A 202 1.24 -2.13 -0.97
CA GLY A 202 2.21 -3.21 -1.00
C GLY A 202 1.60 -4.58 -0.66
N ALA A 203 0.71 -4.60 0.33
CA ALA A 203 0.12 -5.83 0.70
C ALA A 203 -0.85 -6.34 -0.45
N SER A 204 -1.57 -5.40 -1.00
CA SER A 204 -2.48 -5.67 -2.11
C SER A 204 -1.64 -6.38 -3.23
N VAL A 205 -0.48 -5.82 -3.57
CA VAL A 205 0.40 -6.36 -4.60
C VAL A 205 0.68 -7.84 -4.28
N GLY A 206 1.09 -8.09 -3.06
CA GLY A 206 1.35 -9.47 -2.58
C GLY A 206 0.13 -10.35 -2.65
N MET A 207 -1.02 -9.73 -2.51
CA MET A 207 -2.24 -10.43 -2.58
C MET A 207 -2.61 -10.85 -4.03
N HIS A 208 -2.24 -10.05 -5.01
CA HIS A 208 -2.48 -10.36 -6.39
C HIS A 208 -1.47 -11.42 -6.86
N ILE A 209 -0.30 -11.44 -6.25
CA ILE A 209 0.68 -12.52 -6.46
C ILE A 209 0.16 -13.85 -5.98
N LEU A 210 -0.65 -13.86 -4.91
CA LEU A 210 -1.05 -15.12 -4.34
C LEU A 210 -2.34 -15.62 -4.98
N SER A 211 -3.27 -14.70 -5.19
CA SER A 211 -4.57 -15.03 -5.75
C SER A 211 -4.54 -15.48 -7.24
N PRO A 212 -4.92 -16.77 -7.49
CA PRO A 212 -5.05 -17.40 -8.84
C PRO A 212 -5.79 -16.52 -9.81
N GLY A 213 -6.88 -15.89 -9.37
CA GLY A 213 -7.61 -14.98 -10.28
C GLY A 213 -6.92 -13.69 -10.71
N SER A 214 -5.79 -13.31 -10.07
CA SER A 214 -5.06 -12.09 -10.42
C SER A 214 -3.73 -12.33 -11.08
N ARG A 215 -3.09 -13.45 -10.80
CA ARG A 215 -1.72 -13.67 -11.25
C ARG A 215 -1.43 -13.40 -12.71
N ASP A 216 -2.39 -13.69 -13.60
CA ASP A 216 -2.01 -13.72 -15.02
C ASP A 216 -2.01 -12.33 -15.59
N LEU A 217 -2.54 -11.36 -14.82
CA LEU A 217 -2.74 -10.03 -15.32
C LEU A 217 -1.53 -9.15 -15.13
N PHE A 218 -0.39 -9.63 -14.67
CA PHE A 218 0.73 -8.70 -14.60
C PHE A 218 1.96 -9.52 -14.69
N ARG A 219 3.12 -8.92 -14.87
CA ARG A 219 4.31 -9.69 -15.08
C ARG A 219 5.15 -9.78 -13.82
N ARG A 220 5.32 -8.62 -13.21
CA ARG A 220 6.14 -8.54 -11.99
C ARG A 220 5.70 -7.48 -10.96
N ALA A 221 6.36 -7.45 -9.81
CA ALA A 221 5.82 -6.74 -8.62
C ALA A 221 6.86 -6.10 -7.75
N ILE A 222 6.46 -4.93 -7.27
CA ILE A 222 7.20 -4.15 -6.28
C ILE A 222 6.31 -3.88 -5.04
N LEU A 223 6.81 -4.26 -3.89
CA LEU A 223 6.12 -4.11 -2.58
C LEU A 223 6.94 -3.17 -1.67
N GLN A 224 6.37 -2.03 -1.32
CA GLN A 224 7.07 -1.00 -0.50
C GLN A 224 6.39 -1.01 0.90
N SER A 225 7.05 -1.52 1.95
CA SER A 225 6.56 -1.37 3.32
C SER A 225 5.24 -2.09 3.48
N GLY A 226 5.14 -3.27 2.92
CA GLY A 226 3.84 -3.98 2.94
C GLY A 226 4.00 -5.37 2.41
N SER A 227 3.24 -6.28 3.00
CA SER A 227 3.29 -7.69 2.65
C SER A 227 1.90 -8.24 2.90
N PRO A 228 1.55 -9.28 2.17
CA PRO A 228 0.20 -9.82 2.22
C PRO A 228 -0.12 -10.43 3.53
N ASN A 229 0.93 -10.97 4.17
CA ASN A 229 0.82 -11.58 5.51
C ASN A 229 0.87 -10.61 6.71
N CYS A 230 0.94 -9.32 6.48
CA CYS A 230 0.91 -8.37 7.62
C CYS A 230 -0.29 -8.69 8.58
N PRO A 231 -0.06 -8.59 9.91
CA PRO A 231 -1.10 -8.89 10.92
C PRO A 231 -2.33 -7.99 10.79
N TRP A 232 -2.19 -6.80 10.21
CA TRP A 232 -3.29 -5.89 9.99
C TRP A 232 -4.00 -6.01 8.62
N ALA A 233 -3.44 -6.75 7.66
CA ALA A 233 -3.95 -6.70 6.28
C ALA A 233 -5.08 -7.67 5.94
N SER A 234 -5.46 -8.58 6.84
CA SER A 234 -6.56 -9.53 6.59
C SER A 234 -7.18 -9.98 7.91
N VAL A 235 -8.42 -10.43 7.85
CA VAL A 235 -9.10 -11.07 8.98
C VAL A 235 -9.84 -12.34 8.48
N SER A 236 -10.15 -13.21 9.40
CA SER A 236 -10.89 -14.41 9.12
C SER A 236 -12.30 -14.03 8.68
N VAL A 237 -13.05 -14.99 8.08
CA VAL A 237 -14.44 -14.68 7.73
C VAL A 237 -15.28 -14.44 8.95
N ALA A 238 -15.04 -15.21 10.00
CA ALA A 238 -15.82 -15.04 11.24
C ALA A 238 -15.61 -13.60 11.80
N GLU A 239 -14.35 -13.14 11.81
CA GLU A 239 -14.06 -11.78 12.31
C GLU A 239 -14.67 -10.69 11.43
N GLY A 240 -14.60 -10.90 10.12
CA GLY A 240 -15.28 -10.01 9.12
C GLY A 240 -16.76 -9.88 9.39
N ARG A 241 -17.36 -11.01 9.64
CA ARG A 241 -18.77 -11.07 9.90
C ARG A 241 -19.07 -10.27 11.17
N ARG A 242 -18.34 -10.58 12.21
CA ARG A 242 -18.55 -9.93 13.50
C ARG A 242 -18.52 -8.42 13.35
N ARG A 243 -17.54 -7.91 12.58
CA ARG A 243 -17.40 -6.48 12.48
C ARG A 243 -18.49 -5.90 11.68
N ALA A 244 -18.99 -6.65 10.68
CA ALA A 244 -20.11 -6.13 9.86
C ALA A 244 -21.39 -6.04 10.66
N VAL A 245 -21.67 -7.06 11.49
CA VAL A 245 -22.78 -6.99 12.43
C VAL A 245 -22.64 -5.85 13.47
N GLU A 246 -21.45 -5.67 14.03
CA GLU A 246 -21.20 -4.58 14.94
C GLU A 246 -21.43 -3.24 14.27
N LEU A 247 -21.04 -3.17 13.00
CA LEU A 247 -21.23 -1.92 12.28
C LEU A 247 -22.68 -1.68 12.19
N GLY A 248 -23.46 -2.70 11.85
CA GLY A 248 -24.93 -2.50 11.78
C GLY A 248 -25.57 -2.15 13.12
N ARG A 249 -25.04 -2.74 14.17
CA ARG A 249 -25.45 -2.38 15.49
C ARG A 249 -25.21 -0.91 15.82
N ASN A 250 -24.13 -0.31 15.34
CA ASN A 250 -23.86 1.10 15.58
C ASN A 250 -24.76 1.99 14.81
N LEU A 251 -25.44 1.45 13.80
CA LEU A 251 -26.38 2.25 12.98
C LEU A 251 -27.85 1.84 13.19
N ASN A 252 -28.15 1.14 14.29
CA ASN A 252 -29.54 0.76 14.64
C ASN A 252 -30.20 -0.06 13.50
N CYS A 253 -29.44 -0.99 12.92
CA CYS A 253 -29.93 -1.87 11.87
C CYS A 253 -30.65 -3.07 12.42
N ASN A 254 -31.61 -3.53 11.61
CA ASN A 254 -32.10 -4.90 11.74
C ASN A 254 -30.99 -5.90 11.54
N LEU A 255 -30.79 -6.78 12.51
CA LEU A 255 -29.70 -7.79 12.48
C LEU A 255 -30.17 -9.23 12.33
N ASN A 256 -31.43 -9.45 11.95
CA ASN A 256 -31.96 -10.83 11.82
C ASN A 256 -31.36 -11.66 10.71
N SER A 257 -30.89 -10.99 9.66
CA SER A 257 -30.39 -11.70 8.51
C SER A 257 -29.37 -10.81 7.82
N ASP A 258 -28.54 -11.44 7.01
CA ASP A 258 -27.62 -10.75 6.14
C ASP A 258 -28.34 -9.78 5.26
N GLU A 259 -29.50 -10.19 4.74
CA GLU A 259 -30.27 -9.39 3.79
C GLU A 259 -30.74 -8.17 4.48
N GLU A 260 -31.26 -8.38 5.70
CA GLU A 260 -31.72 -7.27 6.57
C GLU A 260 -30.55 -6.25 6.86
N LEU A 261 -29.38 -6.77 7.27
CA LEU A 261 -28.24 -5.90 7.60
C LEU A 261 -27.80 -5.10 6.38
N ILE A 262 -27.63 -5.84 5.29
CA ILE A 262 -27.11 -5.24 4.09
C ILE A 262 -28.08 -4.19 3.60
N HIS A 263 -29.35 -4.51 3.55
CA HIS A 263 -30.31 -3.50 3.11
C HIS A 263 -30.20 -2.25 3.98
N CYS A 264 -30.10 -2.45 5.30
CA CYS A 264 -30.02 -1.30 6.23
C CYS A 264 -28.75 -0.51 5.92
N LEU A 265 -27.60 -1.20 5.75
CA LEU A 265 -26.34 -0.47 5.44
C LEU A 265 -26.41 0.26 4.14
N ARG A 266 -27.21 -0.24 3.23
CA ARG A 266 -27.23 0.35 1.88
C ARG A 266 -28.05 1.59 1.87
N GLU A 267 -28.99 1.73 2.81
CA GLU A 267 -29.78 2.99 2.97
C GLU A 267 -28.97 4.17 3.56
N LYS A 268 -27.85 3.87 4.24
CA LYS A 268 -27.15 4.88 5.01
C LYS A 268 -26.31 5.75 4.10
N LYS A 269 -26.17 7.01 4.43
CA LYS A 269 -25.31 7.86 3.64
C LYS A 269 -23.87 7.42 3.90
N PRO A 270 -22.97 7.70 2.97
CA PRO A 270 -21.59 7.27 3.17
C PRO A 270 -21.04 7.72 4.51
N GLN A 271 -21.26 8.97 4.87
CA GLN A 271 -20.60 9.53 6.04
C GLN A 271 -21.08 8.91 7.36
N GLU A 272 -22.26 8.31 7.34
CA GLU A 272 -22.80 7.61 8.51
C GLU A 272 -22.01 6.37 8.76
N LEU A 273 -21.54 5.73 7.69
CA LEU A 273 -20.74 4.52 7.86
C LEU A 273 -19.36 4.92 8.33
N ILE A 274 -18.80 5.94 7.72
CA ILE A 274 -17.44 6.40 8.06
C ILE A 274 -17.34 6.85 9.55
N ASP A 275 -18.38 7.52 10.04
CA ASP A 275 -18.40 8.06 11.40
C ASP A 275 -18.33 7.01 12.48
N VAL A 276 -18.84 5.80 12.26
CA VAL A 276 -18.81 4.73 13.28
C VAL A 276 -17.85 3.59 13.02
N GLU A 277 -17.06 3.73 11.95
CA GLU A 277 -16.19 2.61 11.41
C GLU A 277 -15.13 2.11 12.43
N TRP A 278 -14.60 3.04 13.22
CA TRP A 278 -13.55 2.70 14.17
C TRP A 278 -14.13 2.08 15.35
N ASN A 279 -15.46 2.09 15.49
CA ASN A 279 -16.07 1.43 16.67
C ASN A 279 -16.13 -0.06 16.67
N VAL A 280 -15.74 -0.72 15.59
CA VAL A 280 -15.95 -2.20 15.51
C VAL A 280 -14.73 -3.02 15.80
N LEU A 281 -13.64 -2.34 16.09
CA LEU A 281 -12.34 -3.07 16.27
C LEU A 281 -12.44 -3.84 17.55
N PRO A 282 -11.87 -5.02 17.58
CA PRO A 282 -12.15 -5.87 18.72
C PRO A 282 -11.30 -5.52 19.93
N PHE A 283 -10.14 -4.89 19.70
CA PHE A 283 -9.21 -4.48 20.74
C PHE A 283 -8.84 -3.00 20.69
N ASP A 284 -8.31 -2.55 21.81
CA ASP A 284 -7.69 -1.25 21.91
C ASP A 284 -6.27 -1.45 21.34
N SER A 285 -6.08 -0.88 20.19
CA SER A 285 -4.92 -1.24 19.40
C SER A 285 -4.47 -0.05 18.59
N ILE A 286 -3.25 -0.10 18.10
CA ILE A 286 -2.88 0.71 16.99
C ILE A 286 -2.41 -0.18 15.83
N PHE A 287 -2.33 0.44 14.66
CA PHE A 287 -2.03 -0.29 13.40
C PHE A 287 -3.02 -1.41 13.10
N ARG A 288 -4.27 -1.17 13.42
CA ARG A 288 -5.36 -2.10 13.10
C ARG A 288 -6.51 -1.31 12.50
N PHE A 289 -7.07 -1.86 11.42
CA PHE A 289 -8.11 -1.20 10.67
C PHE A 289 -9.33 -2.13 10.58
N SER A 290 -10.46 -1.53 10.48
CA SER A 290 -11.73 -2.19 10.64
C SER A 290 -12.07 -3.13 9.46
N PHE A 291 -12.07 -2.59 8.24
CA PHE A 291 -12.50 -3.36 7.03
C PHE A 291 -11.33 -3.58 6.07
N VAL A 292 -10.79 -4.79 6.14
CA VAL A 292 -9.69 -5.26 5.40
C VAL A 292 -10.02 -6.60 4.65
N PRO A 293 -9.12 -7.07 3.76
CA PRO A 293 -9.33 -8.31 3.06
C PRO A 293 -9.68 -9.47 4.01
N VAL A 294 -10.51 -10.40 3.55
CA VAL A 294 -10.89 -11.57 4.32
C VAL A 294 -10.47 -12.86 3.61
N ILE A 295 -9.91 -13.79 4.38
CA ILE A 295 -9.46 -15.04 3.88
C ILE A 295 -10.72 -15.89 3.67
N ASP A 296 -11.22 -15.80 2.41
CA ASP A 296 -12.58 -16.21 2.05
C ASP A 296 -12.68 -17.60 1.40
N GLY A 297 -11.59 -18.20 0.99
CA GLY A 297 -11.63 -19.44 0.20
C GLY A 297 -11.82 -19.22 -1.31
N GLU A 298 -11.84 -18.00 -1.81
CA GLU A 298 -12.11 -17.73 -3.21
C GLU A 298 -10.95 -16.88 -3.78
N PHE A 299 -10.91 -15.61 -3.41
CA PHE A 299 -9.81 -14.78 -3.72
C PHE A 299 -8.52 -15.39 -3.14
N PHE A 300 -8.61 -15.87 -1.89
CA PHE A 300 -7.50 -16.60 -1.26
C PHE A 300 -8.02 -17.99 -0.97
N PRO A 301 -7.45 -19.02 -1.61
CA PRO A 301 -8.14 -20.30 -1.55
C PRO A 301 -7.90 -21.03 -0.24
N THR A 302 -6.74 -20.83 0.37
CA THR A 302 -6.43 -21.24 1.73
C THR A 302 -5.70 -20.13 2.52
N SER A 303 -5.27 -20.48 3.71
CA SER A 303 -4.63 -19.52 4.55
C SER A 303 -3.42 -18.97 3.82
N LEU A 304 -3.06 -17.72 4.14
CA LEU A 304 -1.93 -17.12 3.44
C LEU A 304 -0.68 -17.91 3.68
N GLU A 305 -0.51 -18.40 4.90
CA GLU A 305 0.72 -19.09 5.26
C GLU A 305 0.80 -20.46 4.56
N SER A 306 -0.34 -21.16 4.38
CA SER A 306 -0.27 -22.45 3.69
C SER A 306 0.06 -22.20 2.16
N MET A 307 -0.50 -21.15 1.55
CA MET A 307 -0.11 -20.78 0.17
C MET A 307 1.37 -20.46 0.12
N LEU A 308 1.88 -19.73 1.08
CA LEU A 308 3.28 -19.37 1.02
C LEU A 308 4.21 -20.56 1.12
N ASN A 309 3.83 -21.45 2.03
CA ASN A 309 4.55 -22.70 2.24
C ASN A 309 4.56 -23.67 1.08
N SER A 310 3.42 -23.85 0.40
CA SER A 310 3.31 -24.81 -0.67
C SER A 310 3.73 -24.20 -2.00
N GLY A 311 4.05 -22.91 -2.04
CA GLY A 311 4.42 -22.25 -3.31
C GLY A 311 3.19 -21.97 -4.18
N ASN A 312 2.02 -21.94 -3.58
CA ASN A 312 0.86 -21.59 -4.31
C ASN A 312 0.78 -20.07 -4.50
N PHE A 313 1.52 -19.60 -5.51
CA PHE A 313 1.57 -18.19 -5.86
C PHE A 313 2.31 -17.96 -7.18
N LYS A 314 2.20 -16.74 -7.72
CA LYS A 314 2.86 -16.40 -8.96
C LYS A 314 4.35 -16.41 -8.76
N LYS A 315 5.04 -17.11 -9.65
CA LYS A 315 6.50 -17.11 -9.62
C LYS A 315 7.09 -16.15 -10.61
N THR A 316 7.79 -15.12 -10.16
CA THR A 316 8.26 -14.10 -11.03
C THR A 316 9.32 -13.39 -10.27
N GLN A 317 9.63 -12.16 -10.65
CA GLN A 317 10.62 -11.40 -9.89
C GLN A 317 9.90 -10.42 -8.99
N ILE A 318 10.55 -10.06 -7.90
CA ILE A 318 9.97 -9.05 -7.01
C ILE A 318 11.08 -8.22 -6.44
N LEU A 319 10.71 -6.97 -6.18
CA LEU A 319 11.55 -6.00 -5.56
C LEU A 319 10.71 -5.34 -4.47
N LEU A 320 11.31 -5.25 -3.30
CA LEU A 320 10.60 -4.94 -2.09
C LEU A 320 11.53 -4.51 -0.96
N GLY A 321 10.94 -3.82 -0.02
CA GLY A 321 11.69 -3.34 1.11
C GLY A 321 10.88 -2.55 2.09
N VAL A 322 11.64 -1.99 3.04
CA VAL A 322 11.10 -1.24 4.15
C VAL A 322 11.83 0.08 4.47
N ASN A 323 11.14 0.97 5.21
CA ASN A 323 11.76 2.15 5.81
C ASN A 323 12.20 1.92 7.24
N LYS A 324 13.15 2.69 7.70
CA LYS A 324 13.73 2.48 8.99
C LYS A 324 12.79 2.67 10.16
N ASP A 325 11.82 3.59 10.05
CA ASP A 325 10.95 3.91 11.17
C ASP A 325 9.48 3.84 10.75
N GLU A 326 9.08 2.63 10.40
CA GLU A 326 7.74 2.32 9.99
C GLU A 326 6.71 2.63 11.10
N GLY A 327 7.06 2.44 12.39
CA GLY A 327 6.05 2.63 13.45
C GLY A 327 5.62 4.01 13.95
N SER A 328 6.34 5.05 13.58
CA SER A 328 6.24 6.30 14.32
C SER A 328 4.92 6.97 14.18
N PHE A 329 4.38 6.91 12.96
CA PHE A 329 3.09 7.51 12.67
C PHE A 329 1.99 6.97 13.59
N PHE A 330 2.03 5.66 13.83
CA PHE A 330 0.93 5.02 14.48
C PHE A 330 1.04 5.30 15.95
N LEU A 331 2.25 5.46 16.48
CA LEU A 331 2.48 5.88 17.83
C LEU A 331 2.04 7.34 18.10
N LEU A 332 2.44 8.21 17.20
CA LEU A 332 2.00 9.61 17.22
C LEU A 332 0.51 9.70 17.34
N TYR A 333 -0.18 9.01 16.42
CA TYR A 333 -1.61 9.12 16.41
C TYR A 333 -2.31 8.37 17.52
N GLY A 334 -1.76 7.27 17.98
CA GLY A 334 -2.55 6.42 18.86
C GLY A 334 -2.00 6.05 20.24
N ALA A 335 -0.74 6.36 20.54
CA ALA A 335 -0.20 5.89 21.74
C ALA A 335 0.08 7.08 22.71
N PRO A 336 -0.20 6.86 23.99
CA PRO A 336 -0.02 7.93 24.98
C PRO A 336 1.44 8.34 25.16
N GLY A 337 1.69 9.66 25.19
CA GLY A 337 3.05 10.19 25.52
C GLY A 337 3.81 10.71 24.27
N PHE A 338 3.23 10.50 23.09
CA PHE A 338 3.83 10.90 21.81
C PHE A 338 2.99 12.01 21.33
N SER A 339 3.66 13.05 20.87
CA SER A 339 3.00 14.23 20.36
C SER A 339 3.84 14.77 19.23
N LYS A 340 3.19 15.54 18.38
CA LYS A 340 3.84 16.08 17.27
C LYS A 340 4.92 17.11 17.55
N ASP A 341 4.67 17.95 18.55
CA ASP A 341 5.57 19.07 18.81
C ASP A 341 6.46 18.87 20.03
N SER A 342 6.59 17.66 20.58
CA SER A 342 7.70 17.36 21.50
C SER A 342 8.53 16.25 20.95
N GLU A 343 9.65 16.04 21.61
CA GLU A 343 10.57 14.96 21.40
C GLU A 343 9.96 13.60 21.79
N SER A 344 8.88 13.61 22.54
CA SER A 344 8.17 12.41 22.87
C SER A 344 9.02 11.43 23.60
N LYS A 345 9.69 11.91 24.62
CA LYS A 345 10.38 10.99 25.50
C LYS A 345 9.37 10.27 26.36
N ILE A 346 9.54 8.97 26.50
CA ILE A 346 8.46 8.12 26.92
C ILE A 346 8.81 7.52 28.31
N SER A 347 7.90 7.72 29.25
CA SER A 347 8.07 7.13 30.55
C SER A 347 7.88 5.64 30.42
N ARG A 348 8.31 4.93 31.44
CA ARG A 348 8.15 3.49 31.54
C ARG A 348 6.67 3.06 31.52
N GLU A 349 5.78 3.90 32.01
CA GLU A 349 4.39 3.56 32.13
C GLU A 349 3.76 3.69 30.74
N ASP A 350 4.17 4.72 30.00
CA ASP A 350 3.73 4.90 28.65
C ASP A 350 4.36 3.84 27.73
N PHE A 351 5.56 3.40 28.03
CA PHE A 351 6.11 2.30 27.29
C PHE A 351 5.21 1.07 27.39
N MET A 352 4.88 0.71 28.61
CA MET A 352 4.11 -0.49 28.86
C MET A 352 2.77 -0.34 28.20
N SER A 353 2.17 0.84 28.28
CA SER A 353 0.89 1.06 27.65
C SER A 353 1.02 0.86 26.12
N GLY A 354 2.13 1.34 25.54
CA GLY A 354 2.35 1.25 24.10
C GLY A 354 2.48 -0.18 23.64
N VAL A 355 3.21 -0.96 24.41
CA VAL A 355 3.38 -2.37 24.11
C VAL A 355 2.05 -3.05 24.00
N LYS A 356 1.16 -2.79 24.96
CA LYS A 356 -0.18 -3.35 24.96
C LYS A 356 -0.92 -2.98 23.67
N LEU A 357 -0.95 -1.69 23.35
CA LEU A 357 -1.64 -1.25 22.13
C LEU A 357 -1.00 -1.91 20.89
N SER A 358 0.31 -2.13 20.92
CA SER A 358 1.04 -2.57 19.75
C SER A 358 0.87 -4.02 19.45
N VAL A 359 0.53 -4.82 20.45
CA VAL A 359 0.43 -6.25 20.32
C VAL A 359 -0.86 -6.67 20.96
N PRO A 360 -1.96 -6.25 20.36
CA PRO A 360 -3.26 -6.41 20.97
C PRO A 360 -3.65 -7.86 21.23
N HIS A 361 -3.14 -8.76 20.42
CA HIS A 361 -3.51 -10.16 20.51
C HIS A 361 -2.69 -10.90 21.60
N ALA A 362 -2.00 -10.22 22.53
CA ALA A 362 -1.06 -10.93 23.40
C ALA A 362 -1.49 -11.09 24.83
N ASN A 363 -1.37 -12.29 25.35
CA ASN A 363 -1.44 -12.48 26.79
C ASN A 363 -0.22 -11.82 27.52
N ASP A 364 -0.32 -11.74 28.83
CA ASP A 364 0.67 -11.07 29.66
C ASP A 364 2.09 -11.61 29.51
N LEU A 365 2.20 -12.93 29.37
CA LEU A 365 3.50 -13.55 29.16
C LEU A 365 4.09 -13.02 27.86
N GLY A 366 3.23 -12.91 26.87
CA GLY A 366 3.54 -12.34 25.56
C GLY A 366 4.03 -10.93 25.70
N LEU A 367 3.30 -10.13 26.46
CA LEU A 367 3.71 -8.74 26.63
C LEU A 367 5.06 -8.64 27.31
N ASP A 368 5.25 -9.48 28.31
CA ASP A 368 6.53 -9.49 29.01
C ASP A 368 7.68 -9.87 28.03
N ALA A 369 7.44 -10.85 27.16
CA ALA A 369 8.45 -11.31 26.21
C ALA A 369 8.79 -10.16 25.30
N VAL A 370 7.82 -9.37 24.89
CA VAL A 370 8.16 -8.21 24.02
C VAL A 370 9.01 -7.20 24.78
N THR A 371 8.51 -6.83 25.92
CA THR A 371 9.14 -5.81 26.75
C THR A 371 10.56 -6.20 27.07
N LEU A 372 10.78 -7.43 27.42
CA LEU A 372 12.18 -7.88 27.64
C LEU A 372 13.07 -7.78 26.42
N GLN A 373 12.48 -8.08 25.26
CA GLN A 373 13.26 -8.16 24.08
C GLN A 373 13.69 -6.79 23.67
N TYR A 374 12.95 -5.75 24.02
CA TYR A 374 13.21 -4.41 23.52
C TYR A 374 13.63 -3.40 24.64
N THR A 375 13.90 -3.86 25.84
CA THR A 375 14.23 -2.94 26.91
C THR A 375 15.68 -3.16 27.20
N ASP A 376 16.44 -2.08 27.22
CA ASP A 376 17.79 -2.06 27.78
C ASP A 376 17.71 -1.96 29.29
N TRP A 377 17.93 -3.07 30.02
CA TRP A 377 17.83 -3.09 31.51
C TRP A 377 18.96 -2.37 32.30
N MET A 378 19.99 -1.88 31.64
CA MET A 378 21.00 -1.04 32.28
C MET A 378 20.54 0.42 32.25
N ASP A 379 19.47 0.70 31.52
CA ASP A 379 19.03 2.07 31.34
C ASP A 379 17.57 2.06 30.93
N ASP A 380 16.75 1.56 31.86
CA ASP A 380 15.33 1.31 31.54
C ASP A 380 14.42 2.55 31.67
N ASN A 381 15.00 3.65 32.18
CA ASN A 381 14.30 4.95 32.23
C ASN A 381 14.76 5.99 31.24
N ASN A 382 15.61 5.61 30.31
CA ASN A 382 15.92 6.51 29.24
C ASN A 382 14.69 6.67 28.30
N GLY A 383 14.14 7.88 28.29
CA GLY A 383 12.90 8.20 27.58
C GLY A 383 13.03 8.13 26.07
N ILE A 384 14.24 8.32 25.61
CA ILE A 384 14.54 8.21 24.22
C ILE A 384 14.60 6.73 23.78
N LYS A 385 15.18 5.89 24.63
CA LYS A 385 15.31 4.47 24.36
C LYS A 385 13.95 3.78 24.38
N ASN A 386 13.11 4.18 25.31
CA ASN A 386 11.78 3.75 25.36
C ASN A 386 10.98 4.21 24.12
N ARG A 387 11.14 5.45 23.71
CA ARG A 387 10.44 5.97 22.55
C ARG A 387 10.88 5.17 21.29
N ASP A 388 12.17 5.16 21.03
CA ASP A 388 12.75 4.44 19.90
C ASP A 388 12.45 2.95 19.91
N GLY A 389 12.41 2.36 21.11
CA GLY A 389 12.20 0.94 21.28
C GLY A 389 10.74 0.61 20.89
N LEU A 390 9.82 1.48 21.26
CA LEU A 390 8.44 1.27 20.89
C LEU A 390 8.25 1.52 19.36
N ASP A 391 8.91 2.50 18.83
CA ASP A 391 8.94 2.71 17.41
C ASP A 391 9.39 1.41 16.66
N ASP A 392 10.47 0.77 17.08
CA ASP A 392 10.90 -0.52 16.55
C ASP A 392 9.89 -1.65 16.75
N ILE A 393 9.23 -1.69 17.91
CA ILE A 393 8.23 -2.73 18.12
C ILE A 393 7.10 -2.61 17.06
N VAL A 394 6.57 -1.45 16.84
CA VAL A 394 5.44 -1.30 15.97
C VAL A 394 5.81 -1.64 14.51
N GLY A 395 6.98 -1.16 14.07
CA GLY A 395 7.52 -1.38 12.76
C GLY A 395 7.94 -2.80 12.53
N ASP A 396 8.62 -3.43 13.48
CA ASP A 396 9.07 -4.78 13.33
C ASP A 396 7.89 -5.71 13.22
N HIS A 397 6.96 -5.58 14.13
CA HIS A 397 5.84 -6.45 14.21
C HIS A 397 4.84 -6.32 13.04
N ASN A 398 4.63 -5.10 12.54
CA ASN A 398 3.66 -4.82 11.57
C ASN A 398 4.12 -4.77 10.11
N VAL A 399 5.37 -4.46 9.88
CA VAL A 399 5.85 -4.21 8.56
C VAL A 399 7.11 -5.04 8.26
N ILE A 400 8.14 -4.87 9.04
CA ILE A 400 9.42 -5.45 8.68
C ILE A 400 9.47 -6.93 8.82
N CYS A 401 9.03 -7.47 9.94
CA CYS A 401 9.16 -8.92 10.12
C CYS A 401 8.11 -9.69 9.30
N PRO A 402 6.88 -9.21 9.18
CA PRO A 402 6.03 -9.90 8.18
C PRO A 402 6.68 -9.87 6.79
N LEU A 403 7.26 -8.75 6.41
CA LEU A 403 7.81 -8.68 5.09
C LEU A 403 9.01 -9.66 4.98
N MET A 404 9.82 -9.74 6.04
CA MET A 404 10.97 -10.58 5.97
C MET A 404 10.50 -12.03 5.87
N HIS A 405 9.32 -12.33 6.43
CA HIS A 405 8.80 -13.72 6.39
C HIS A 405 8.29 -14.04 4.97
N PHE A 406 7.60 -13.08 4.39
CA PHE A 406 7.15 -13.16 3.03
C PHE A 406 8.35 -13.38 2.09
N VAL A 407 9.42 -12.63 2.30
CA VAL A 407 10.57 -12.69 1.40
C VAL A 407 11.22 -14.05 1.44
N ASN A 408 11.31 -14.60 2.63
CA ASN A 408 12.05 -15.82 2.80
C ASN A 408 11.25 -16.98 2.19
N LYS A 409 9.95 -16.95 2.34
CA LYS A 409 9.10 -17.94 1.74
C LYS A 409 9.01 -17.81 0.21
N TYR A 410 8.95 -16.58 -0.31
CA TYR A 410 8.72 -16.32 -1.70
C TYR A 410 9.98 -16.78 -2.44
N THR A 411 11.11 -16.44 -1.88
CA THR A 411 12.39 -16.66 -2.51
C THR A 411 12.69 -18.13 -2.73
N LYS A 412 12.10 -19.04 -1.97
CA LYS A 412 12.27 -20.43 -2.26
C LYS A 412 11.75 -20.83 -3.65
N PHE A 413 10.61 -20.26 -4.12
CA PHE A 413 9.98 -20.65 -5.36
C PHE A 413 10.06 -19.62 -6.49
N GLY A 414 10.48 -18.40 -6.19
CA GLY A 414 10.40 -17.30 -7.13
C GLY A 414 11.62 -17.26 -8.01
N ASN A 415 11.63 -16.29 -8.88
CA ASN A 415 12.61 -16.17 -9.91
C ASN A 415 13.54 -14.97 -9.79
N GLY A 416 13.65 -14.42 -8.58
CA GLY A 416 14.59 -13.34 -8.30
C GLY A 416 13.99 -12.28 -7.38
N THR A 417 14.72 -11.98 -6.31
CA THR A 417 14.26 -11.14 -5.24
C THR A 417 15.29 -10.08 -5.04
N TYR A 418 14.86 -8.80 -5.04
CA TYR A 418 15.75 -7.68 -4.70
C TYR A 418 15.22 -6.93 -3.46
N LEU A 419 16.01 -6.87 -2.38
CA LEU A 419 15.57 -6.31 -1.09
C LEU A 419 16.29 -5.01 -0.72
N TYR A 420 15.51 -4.02 -0.32
CA TYR A 420 16.07 -2.77 0.16
C TYR A 420 15.64 -2.32 1.59
N PHE A 421 16.44 -1.40 2.15
CA PHE A 421 16.18 -0.78 3.42
C PHE A 421 16.38 0.68 3.18
N PHE A 422 15.28 1.42 3.14
CA PHE A 422 15.35 2.84 2.87
C PHE A 422 15.49 3.57 4.20
N ASN A 423 16.61 4.29 4.37
CA ASN A 423 16.85 4.96 5.62
C ASN A 423 17.40 6.39 5.49
N HIS A 424 16.92 7.12 4.51
CA HIS A 424 17.25 8.51 4.37
C HIS A 424 16.08 9.38 4.87
N ARG A 425 16.30 10.27 5.83
CA ARG A 425 15.22 11.17 6.22
C ARG A 425 15.36 12.42 5.37
N ALA A 426 14.26 12.76 4.71
CA ALA A 426 14.23 13.82 3.75
C ALA A 426 14.50 15.10 4.51
N SER A 427 15.31 15.96 3.90
CA SER A 427 15.84 17.22 4.50
C SER A 427 14.71 18.21 4.77
N ASN A 428 13.60 18.14 4.04
CA ASN A 428 12.48 19.06 4.18
C ASN A 428 11.24 18.43 4.91
N LEU A 429 11.44 17.37 5.68
CA LEU A 429 10.28 16.72 6.33
C LEU A 429 9.69 17.70 7.40
N VAL A 430 8.38 17.88 7.32
CA VAL A 430 7.69 18.78 8.19
C VAL A 430 7.41 18.09 9.52
N TRP A 431 7.49 16.77 9.57
CA TRP A 431 7.20 16.00 10.80
C TRP A 431 8.40 16.11 11.69
N PRO A 432 8.25 15.92 13.00
CA PRO A 432 9.40 16.11 13.89
C PRO A 432 10.48 15.02 13.72
N GLU A 433 11.66 15.29 14.21
CA GLU A 433 12.80 14.42 14.10
C GLU A 433 12.60 13.07 14.71
N TRP A 434 11.87 13.00 15.83
CA TRP A 434 11.82 11.73 16.54
C TRP A 434 11.18 10.61 15.65
N MET A 435 10.33 10.97 14.69
CA MET A 435 9.60 10.02 13.84
C MET A 435 10.53 9.33 12.82
N GLY A 436 11.75 9.87 12.65
CA GLY A 436 12.78 9.31 11.80
C GLY A 436 12.42 9.26 10.30
N VAL A 437 12.60 8.09 9.72
CA VAL A 437 12.30 7.84 8.31
C VAL A 437 10.90 7.17 8.32
N ILE A 438 9.92 8.01 8.16
CA ILE A 438 8.53 7.70 8.37
C ILE A 438 7.87 6.87 7.24
N HIS A 439 6.90 6.08 7.66
CA HIS A 439 6.07 5.31 6.85
C HIS A 439 5.65 6.20 5.70
N GLY A 440 5.90 5.79 4.48
CA GLY A 440 5.40 6.57 3.33
C GLY A 440 6.32 7.60 2.74
N TYR A 441 7.51 7.81 3.31
CA TYR A 441 8.32 8.95 2.87
C TYR A 441 9.40 8.52 1.89
N GLU A 442 9.34 7.26 1.45
CA GLU A 442 10.10 6.85 0.28
C GLU A 442 9.27 7.14 -0.98
N ILE A 443 7.97 7.30 -0.82
CA ILE A 443 7.12 7.40 -2.00
C ILE A 443 7.56 8.59 -2.86
N GLU A 444 7.79 9.71 -2.20
CA GLU A 444 8.21 10.92 -2.91
C GLU A 444 9.48 10.71 -3.72
N PHE A 445 10.34 9.80 -3.28
CA PHE A 445 11.56 9.52 -4.01
C PHE A 445 11.30 8.62 -5.23
N VAL A 446 10.34 7.71 -5.07
CA VAL A 446 9.96 6.76 -6.10
C VAL A 446 9.24 7.54 -7.20
N PHE A 447 8.49 8.58 -6.82
CA PHE A 447 7.76 9.31 -7.83
C PHE A 447 8.52 10.56 -8.36
N GLY A 448 9.75 10.78 -7.91
CA GLY A 448 10.58 11.82 -8.50
C GLY A 448 10.34 13.28 -8.08
N LEU A 449 9.66 13.51 -6.96
CA LEU A 449 9.35 14.87 -6.46
C LEU A 449 10.66 15.70 -6.19
N PRO A 450 11.72 15.05 -5.80
CA PRO A 450 12.94 15.80 -5.63
C PRO A 450 13.59 16.41 -6.86
N LEU A 451 13.05 16.15 -8.04
CA LEU A 451 13.62 16.78 -9.22
C LEU A 451 12.97 18.13 -9.45
N VAL A 452 11.89 18.39 -8.74
CA VAL A 452 11.17 19.65 -8.83
C VAL A 452 11.87 20.66 -7.87
N LYS A 453 12.51 21.67 -8.45
CA LYS A 453 13.36 22.60 -7.70
C LYS A 453 12.58 23.30 -6.56
N GLU A 454 11.36 23.70 -6.86
CA GLU A 454 10.50 24.44 -5.95
C GLU A 454 10.16 23.66 -4.68
N LEU A 455 10.21 22.33 -4.70
CA LEU A 455 9.86 21.57 -3.53
C LEU A 455 11.02 21.47 -2.54
N ASN A 456 12.19 21.99 -2.92
CA ASN A 456 13.26 22.27 -1.96
C ASN A 456 13.94 21.06 -1.34
N TYR A 457 14.23 20.08 -2.16
CA TYR A 457 15.04 18.92 -1.73
C TYR A 457 16.46 19.35 -1.99
N THR A 458 17.43 18.65 -1.44
CA THR A 458 18.80 18.86 -1.83
C THR A 458 19.19 18.17 -3.15
N ALA A 459 20.29 18.59 -3.73
CA ALA A 459 20.83 17.94 -4.91
C ALA A 459 21.09 16.44 -4.69
N GLU A 460 21.56 16.06 -3.52
CA GLU A 460 21.86 14.62 -3.29
C GLU A 460 20.54 13.78 -3.15
N GLU A 461 19.44 14.44 -2.73
CA GLU A 461 18.12 13.87 -2.74
C GLU A 461 17.54 13.79 -4.16
N GLU A 462 17.93 14.71 -5.04
CA GLU A 462 17.54 14.60 -6.44
C GLU A 462 18.23 13.38 -7.00
N ALA A 463 19.51 13.26 -6.71
CA ALA A 463 20.25 12.16 -7.25
C ALA A 463 19.71 10.82 -6.68
N LEU A 464 19.20 10.84 -5.45
CA LEU A 464 18.79 9.56 -4.85
C LEU A 464 17.47 9.11 -5.53
N SER A 465 16.60 10.06 -5.69
CA SER A 465 15.39 9.88 -6.41
C SER A 465 15.64 9.36 -7.82
N ARG A 466 16.53 9.98 -8.57
CA ARG A 466 16.81 9.52 -9.97
C ARG A 466 17.29 8.06 -9.97
N ARG A 467 18.09 7.75 -9.00
CA ARG A 467 18.58 6.41 -8.87
C ARG A 467 17.48 5.39 -8.46
N ILE A 468 16.58 5.80 -7.59
CA ILE A 468 15.49 4.92 -7.21
C ILE A 468 14.55 4.72 -8.36
N MET A 469 14.26 5.80 -9.03
CA MET A 469 13.32 5.69 -10.15
C MET A 469 13.89 4.75 -11.22
N HIS A 470 15.20 4.80 -11.41
CA HIS A 470 15.81 4.06 -12.46
C HIS A 470 15.94 2.60 -12.01
N TYR A 471 16.27 2.34 -10.74
CA TYR A 471 16.12 0.95 -10.23
C TYR A 471 14.69 0.39 -10.44
N TRP A 472 13.68 1.19 -10.11
CA TRP A 472 12.29 0.74 -10.19
C TRP A 472 11.86 0.43 -11.61
N ALA A 473 12.24 1.32 -12.54
CA ALA A 473 11.86 1.20 -13.94
C ALA A 473 12.69 0.14 -14.66
N THR A 474 13.96 0.04 -14.38
CA THR A 474 14.77 -0.99 -14.99
C THR A 474 14.32 -2.36 -14.52
N PHE A 475 13.96 -2.43 -13.25
CA PHE A 475 13.40 -3.69 -12.76
C PHE A 475 12.06 -3.97 -13.45
N ALA A 476 11.23 -2.95 -13.69
CA ALA A 476 9.93 -3.27 -14.30
C ALA A 476 10.10 -3.84 -15.73
N LYS A 477 11.11 -3.31 -16.40
CA LYS A 477 11.37 -3.57 -17.77
C LYS A 477 12.06 -4.93 -17.96
N THR A 478 13.06 -5.21 -17.11
CA THR A 478 13.88 -6.37 -17.25
C THR A 478 13.79 -7.41 -16.17
N GLY A 479 13.29 -7.11 -14.96
CA GLY A 479 13.31 -8.08 -13.88
C GLY A 479 14.53 -8.00 -13.04
N ASN A 480 15.33 -6.97 -13.32
CA ASN A 480 16.56 -6.69 -12.57
C ASN A 480 16.77 -5.16 -12.45
N PRO A 481 16.92 -4.62 -11.22
CA PRO A 481 17.05 -3.14 -11.09
C PRO A 481 18.38 -2.59 -11.67
N ASN A 482 19.35 -3.47 -11.84
CA ASN A 482 20.68 -3.10 -12.32
C ASN A 482 20.76 -3.03 -13.86
N GLU A 483 21.41 -2.02 -14.38
CA GLU A 483 21.53 -1.94 -15.85
C GLU A 483 22.65 -2.89 -16.31
N PRO A 484 22.34 -3.75 -17.32
CA PRO A 484 23.33 -4.73 -17.76
C PRO A 484 24.59 -4.00 -18.20
N HIS A 485 25.71 -4.44 -17.67
CA HIS A 485 27.06 -3.97 -18.04
C HIS A 485 27.43 -2.56 -17.60
N SER A 486 26.57 -1.82 -16.91
CA SER A 486 26.97 -0.49 -16.38
C SER A 486 28.11 -0.57 -15.36
N GLN A 487 28.61 0.58 -14.93
CA GLN A 487 29.73 0.67 -13.95
C GLN A 487 29.31 0.95 -12.49
N GLU A 488 28.03 1.20 -12.27
CA GLU A 488 27.53 1.47 -10.94
C GLU A 488 27.67 0.29 -10.05
N SER A 489 27.51 0.53 -8.76
CA SER A 489 27.51 -0.59 -7.79
C SER A 489 26.22 -1.38 -7.96
N LYS A 490 26.32 -2.69 -7.78
CA LYS A 490 25.32 -3.59 -8.23
C LYS A 490 24.46 -3.98 -7.04
N TRP A 491 23.12 -3.83 -7.16
CA TRP A 491 22.22 -4.32 -6.17
C TRP A 491 22.17 -5.84 -6.29
N PRO A 492 22.75 -6.57 -5.34
CA PRO A 492 22.73 -8.03 -5.49
C PRO A 492 21.35 -8.69 -5.24
N LEU A 493 21.16 -9.83 -5.87
CA LEU A 493 20.04 -10.69 -5.61
C LEU A 493 20.01 -11.12 -4.13
N PHE A 494 18.80 -11.15 -3.57
CA PHE A 494 18.58 -11.73 -2.28
C PHE A 494 18.40 -13.23 -2.52
N THR A 495 19.16 -14.03 -1.81
CA THR A 495 19.04 -15.49 -1.92
C THR A 495 18.80 -16.09 -0.54
N THR A 496 18.14 -17.22 -0.54
CA THR A 496 17.89 -17.97 0.67
C THR A 496 19.14 -18.09 1.52
N LYS A 497 20.27 -18.36 0.88
CA LYS A 497 21.48 -18.62 1.61
C LYS A 497 22.05 -17.34 2.21
N GLU A 498 22.29 -16.35 1.36
CA GLU A 498 23.10 -15.18 1.79
C GLU A 498 22.25 -14.02 2.26
N GLN A 499 20.99 -13.96 1.83
CA GLN A 499 20.05 -12.95 2.31
C GLN A 499 20.49 -11.48 2.24
N LYS A 500 21.09 -11.09 1.13
CA LYS A 500 21.61 -9.74 0.98
C LYS A 500 20.59 -8.69 0.68
N PHE A 501 20.93 -7.46 1.09
CA PHE A 501 20.09 -6.38 0.76
C PHE A 501 20.94 -5.14 0.75
N ILE A 502 20.37 -4.07 0.27
CA ILE A 502 21.06 -2.83 0.26
C ILE A 502 20.29 -1.73 0.98
N ASP A 503 21.04 -0.74 1.43
CA ASP A 503 20.49 0.44 2.02
C ASP A 503 20.23 1.33 0.80
N LEU A 504 19.24 2.19 0.95
CA LEU A 504 18.86 3.16 -0.01
C LEU A 504 18.95 4.55 0.67
N ASN A 505 20.02 5.27 0.42
CA ASN A 505 20.18 6.61 0.95
C ASN A 505 21.12 7.42 0.05
N THR A 506 21.54 8.58 0.49
CA THR A 506 22.42 9.47 -0.27
C THR A 506 23.90 9.08 -0.26
N GLU A 507 24.27 8.10 0.56
CA GLU A 507 25.66 7.64 0.67
C GLU A 507 25.91 6.47 -0.29
N PRO A 508 27.19 6.15 -0.57
CA PRO A 508 27.45 5.04 -1.49
C PRO A 508 26.85 3.71 -1.02
N MET A 509 26.22 3.00 -1.96
CA MET A 509 25.52 1.76 -1.69
C MET A 509 26.38 0.90 -0.78
N LYS A 510 25.72 0.31 0.19
CA LYS A 510 26.34 -0.64 1.10
C LYS A 510 25.36 -1.82 1.10
N VAL A 511 25.94 -3.00 0.96
CA VAL A 511 25.28 -4.27 1.02
C VAL A 511 25.42 -4.84 2.40
N HIS A 512 24.32 -5.40 2.90
CA HIS A 512 24.29 -6.09 4.19
C HIS A 512 23.59 -7.45 4.08
N GLN A 513 23.46 -8.13 5.21
CA GLN A 513 22.76 -9.41 5.23
C GLN A 513 21.80 -9.54 6.39
N ARG A 514 20.75 -10.33 6.21
CA ARG A 514 19.91 -10.77 7.30
C ARG A 514 19.27 -9.57 8.03
N LEU A 515 18.44 -8.85 7.31
CA LEU A 515 17.76 -7.64 7.77
C LEU A 515 16.90 -7.93 9.02
N ARG A 516 17.28 -7.31 10.13
CA ARG A 516 16.59 -7.46 11.44
C ARG A 516 16.35 -8.84 11.85
N VAL A 517 17.28 -9.75 11.58
CA VAL A 517 16.96 -11.16 11.81
C VAL A 517 16.67 -11.40 13.32
N GLN A 518 17.46 -10.76 14.20
CA GLN A 518 17.37 -11.03 15.65
C GLN A 518 15.89 -10.76 16.06
N MET A 519 15.36 -9.57 15.75
CA MET A 519 14.00 -9.23 16.12
C MET A 519 12.98 -10.07 15.34
N CYS A 520 13.26 -10.43 14.09
CA CYS A 520 12.25 -11.14 13.31
C CYS A 520 12.23 -12.56 13.68
N VAL A 521 13.34 -13.13 14.19
CA VAL A 521 13.21 -14.50 14.76
C VAL A 521 12.28 -14.42 15.99
N PHE A 522 12.38 -13.34 16.77
CA PHE A 522 11.41 -13.18 17.84
C PHE A 522 9.95 -13.10 17.37
N TRP A 523 9.67 -12.18 16.46
CA TRP A 523 8.29 -12.05 15.98
C TRP A 523 7.79 -13.16 15.10
N ASN A 524 8.64 -13.76 14.30
CA ASN A 524 8.17 -14.81 13.35
C ASN A 524 8.23 -16.21 13.89
N GLN A 525 9.03 -16.50 14.88
CA GLN A 525 9.14 -17.85 15.35
C GLN A 525 8.81 -17.98 16.85
N PHE A 526 9.44 -17.15 17.72
CA PHE A 526 9.29 -17.37 19.15
C PHE A 526 7.93 -16.92 19.67
N LEU A 527 7.61 -15.67 19.47
CA LEU A 527 6.37 -15.15 20.07
C LEU A 527 5.12 -15.94 19.65
N PRO A 528 5.02 -16.31 18.36
CA PRO A 528 3.84 -17.10 18.02
C PRO A 528 3.84 -18.49 18.63
N LYS A 529 5.01 -19.10 18.78
CA LYS A 529 5.09 -20.34 19.59
C LYS A 529 4.65 -20.08 21.04
N LEU A 530 5.00 -18.92 21.60
CA LEU A 530 4.67 -18.67 23.00
C LEU A 530 3.17 -18.49 23.17
N LEU A 531 2.58 -17.69 22.30
CA LEU A 531 1.12 -17.47 22.37
C LEU A 531 0.31 -18.73 21.99
N ASN A 532 0.77 -19.59 21.09
CA ASN A 532 0.07 -20.88 20.88
C ASN A 532 0.10 -21.77 22.12
N ALA A 533 1.17 -21.72 22.90
CA ALA A 533 1.30 -22.69 23.96
C ALA A 533 0.45 -22.28 25.16
N THR A 534 0.25 -20.96 25.31
CA THR A 534 -0.48 -20.37 26.47
C THR A 534 -1.91 -19.90 26.12
C1 NAG B . 14.71 -17.49 -13.59
C2 NAG B . 16.01 -18.01 -13.03
C3 NAG B . 17.01 -18.37 -14.09
C4 NAG B . 16.39 -19.32 -15.13
C5 NAG B . 14.95 -18.96 -15.55
C6 NAG B . 14.30 -20.27 -16.08
C7 NAG B . 16.59 -17.14 -10.88
C8 NAG B . 17.17 -16.02 -10.09
N2 NAG B . 16.59 -17.01 -12.19
O3 NAG B . 18.02 -19.03 -13.33
O4 NAG B . 17.24 -19.50 -16.26
O5 NAG B . 14.16 -18.46 -14.45
O6 NAG B . 12.99 -20.18 -16.61
O7 NAG B . 16.11 -18.12 -10.31
C1 NAG B . 17.51 -20.91 -16.41
C2 NAG B . 17.93 -21.19 -17.85
C3 NAG B . 18.24 -22.67 -18.04
C4 NAG B . 19.18 -23.17 -16.95
C5 NAG B . 18.69 -22.76 -15.57
C6 NAG B . 19.68 -23.21 -14.49
C7 NAG B . 16.93 -19.63 -19.41
C8 NAG B . 15.79 -19.36 -20.35
N2 NAG B . 16.88 -20.79 -18.75
O3 NAG B . 18.84 -22.87 -19.32
O4 NAG B . 19.29 -24.60 -17.03
O5 NAG B . 18.53 -21.35 -15.52
O6 NAG B . 20.72 -22.24 -14.38
O7 NAG B . 17.85 -18.84 -19.26
C1 NAG C . -13.17 18.77 -20.44
C2 NAG C . -12.91 19.95 -21.37
C3 NAG C . -12.06 21.01 -20.69
C4 NAG C . -12.60 21.35 -19.31
C5 NAG C . -12.88 20.09 -18.50
C6 NAG C . -13.51 20.43 -17.15
C7 NAG C . -12.95 19.28 -23.70
C8 NAG C . -12.30 19.76 -24.96
N2 NAG C . -12.27 19.49 -22.59
O3 NAG C . -12.02 22.19 -21.50
O4 NAG C . -11.66 22.17 -18.61
O5 NAG C . -13.77 19.24 -19.23
O6 NAG C . -13.02 19.52 -16.16
O7 NAG C . -14.04 18.72 -23.70
CA OMI D . 1.29 6.60 3.55
C OMI D . 0.00 6.26 3.62
O OMI D . -0.53 5.52 2.82
CAI OMI D . -0.60 6.90 4.62
CAE OMI D . -1.84 6.91 5.06
CAC OMI D . -2.21 7.69 6.13
CAD OMI D . -1.27 8.49 6.76
CAF OMI D . 0.00 8.43 6.26
CAJ OMI D . 0.31 7.65 5.21
N OMI D . 1.47 7.49 4.68
CAA OMI D . 2.19 6.70 5.66
C1 PG4 E . -1.60 8.38 10.07
C2 PG4 E . -1.86 7.06 10.80
O2 PG4 E . -3.25 6.97 11.28
C3 PG4 E . -3.40 5.67 11.85
C4 PG4 E . -4.81 5.40 12.27
O3 PG4 E . -5.57 6.62 12.19
C5 PG4 E . -6.38 6.77 13.39
C6 PG4 E . -7.64 7.55 13.11
O4 PG4 E . -8.73 6.88 13.74
C7 PG4 E . -8.64 6.98 15.18
C8 PG4 E . -9.86 6.33 15.78
O5 PG4 E . -10.80 7.41 16.03
C ACT F . -1.03 2.33 5.16
O ACT F . -0.59 3.49 4.90
OXT ACT F . -1.54 1.53 4.35
CH3 ACT F . -0.99 1.90 6.62
#